data_6KD3
#
_entry.id   6KD3
#
_cell.length_a   105.836
_cell.length_b   66.386
_cell.length_c   261.061
_cell.angle_alpha   90.000
_cell.angle_beta   96.770
_cell.angle_gamma   90.000
#
_symmetry.space_group_name_H-M   'C 1 2 1'
#
loop_
_entity.id
_entity.type
_entity.pdbx_description
1 polymer 'Uridine phosphorylase'
2 water water
#
_entity_poly.entity_id   1
_entity_poly.type   'polypeptide(L)'
_entity_poly.pdbx_seq_one_letter_code
;MGMAPNMDAVADATAQVHVRNSHILEMHSDVLFHIGLTCSQEERQQVANTFGDVKFFITGGSAERMTHFAQSVAKELGIT
TPYGYQLAPIGSTSRYTLFKVGPVLVANHGIGMPSISILLHEVTKLLEYAGAHGATYIRMGTSGGIGVEPGTVVITSEGV
NNKLESVDEVAVLGSTVRRPSICSPEVREEIITAAKEVGLPYAVGKTLSCNDFYEGQGRLDGAICEYTLEDKMAFLQKLA
DAGVRNIEMEARLMAGFCHKLNIPVAVVCVTLLNRLNGDQVLSSHETLQDFERRPGAVLLHYIKSKVNASAAAALEHHHH
HH
;
_entity_poly.pdbx_strand_id   A,B
#
# COMPACT_ATOMS: atom_id res chain seq x y z
N THR A 14 19.13 -26.16 6.93
CA THR A 14 18.14 -27.17 7.29
C THR A 14 16.96 -27.12 6.34
N ALA A 15 16.37 -25.94 6.21
CA ALA A 15 15.35 -25.66 5.21
C ALA A 15 15.63 -24.28 4.64
N GLN A 16 15.54 -24.16 3.31
CA GLN A 16 15.96 -22.96 2.57
C GLN A 16 14.78 -22.33 1.83
N VAL A 17 14.91 -21.03 1.56
CA VAL A 17 13.76 -20.26 1.06
C VAL A 17 13.23 -20.93 -0.21
N HIS A 18 12.25 -21.80 -0.03
CA HIS A 18 11.55 -22.38 -1.17
C HIS A 18 10.59 -21.34 -1.75
N VAL A 19 10.54 -21.27 -3.07
CA VAL A 19 9.53 -20.52 -3.79
C VAL A 19 8.82 -21.52 -4.68
N ARG A 20 7.54 -21.77 -4.41
CA ARG A 20 6.76 -22.61 -5.31
C ARG A 20 6.55 -21.90 -6.65
N ASN A 21 7.66 -21.60 -7.35
CA ASN A 21 7.60 -21.15 -8.74
C ASN A 21 8.67 -21.93 -9.50
N SER A 22 8.25 -22.66 -10.52
CA SER A 22 9.18 -23.34 -11.41
C SER A 22 9.78 -22.37 -12.44
N HIS A 23 8.93 -21.55 -13.07
CA HIS A 23 9.35 -20.78 -14.22
C HIS A 23 10.48 -19.80 -13.90
N ILE A 24 10.86 -19.65 -12.64
CA ILE A 24 12.06 -18.89 -12.32
C ILE A 24 13.30 -19.62 -12.82
N LEU A 25 13.35 -20.95 -12.66
CA LEU A 25 14.36 -21.76 -13.31
C LEU A 25 14.50 -21.37 -14.79
N GLU A 26 13.40 -21.50 -15.56
CA GLU A 26 13.37 -21.14 -16.99
C GLU A 26 13.25 -19.62 -17.16
N MET A 27 14.35 -18.95 -16.83
CA MET A 27 14.54 -17.52 -17.07
C MET A 27 16.02 -17.24 -17.09
N HIS A 28 16.47 -16.52 -18.13
CA HIS A 28 17.87 -16.11 -18.21
C HIS A 28 18.23 -15.21 -17.03
N SER A 29 17.38 -14.22 -16.74
CA SER A 29 17.72 -13.17 -15.80
C SER A 29 16.47 -12.72 -15.06
N ASP A 30 16.65 -12.38 -13.78
CA ASP A 30 15.53 -11.92 -12.96
C ASP A 30 15.76 -10.50 -12.47
N VAL A 31 14.73 -9.69 -12.66
CA VAL A 31 14.64 -8.34 -12.17
C VAL A 31 13.54 -8.29 -11.12
N LEU A 32 13.82 -7.61 -10.04
CA LEU A 32 12.82 -7.29 -9.04
C LEU A 32 12.55 -5.79 -9.18
N PHE A 33 11.41 -5.45 -9.80
CA PHE A 33 11.20 -4.05 -10.16
C PHE A 33 11.24 -3.17 -8.94
N HIS A 34 10.47 -3.53 -7.91
CA HIS A 34 9.99 -2.54 -6.95
C HIS A 34 11.05 -2.09 -5.96
N ILE A 35 12.06 -2.92 -5.71
CA ILE A 35 13.17 -2.57 -4.83
C ILE A 35 14.36 -2.01 -5.61
N GLY A 36 14.46 -2.30 -6.90
CA GLY A 36 15.58 -1.90 -7.72
C GLY A 36 16.66 -2.94 -7.90
N LEU A 37 16.31 -4.23 -7.94
CA LEU A 37 17.30 -5.28 -7.91
C LEU A 37 17.15 -6.19 -9.10
N THR A 38 18.29 -6.56 -9.68
CA THR A 38 18.41 -7.41 -10.85
C THR A 38 19.50 -8.45 -10.59
N CYS A 39 19.65 -9.41 -11.51
CA CYS A 39 20.53 -10.54 -11.24
C CYS A 39 21.78 -10.56 -12.11
N SER A 40 21.68 -11.08 -13.34
CA SER A 40 22.86 -11.28 -14.20
C SER A 40 23.54 -9.96 -14.52
N ARG A 44 22.87 -7.95 -11.50
CA ARG A 44 24.09 -7.16 -11.47
C ARG A 44 24.79 -7.44 -10.14
N GLN A 45 24.02 -7.45 -9.06
CA GLN A 45 24.53 -7.79 -7.74
C GLN A 45 24.51 -9.31 -7.56
N GLN A 46 25.53 -9.85 -6.88
CA GLN A 46 25.67 -11.30 -6.74
C GLN A 46 24.90 -11.74 -5.49
N VAL A 47 23.81 -12.47 -5.69
CA VAL A 47 22.90 -12.78 -4.60
C VAL A 47 23.56 -13.68 -3.57
N ALA A 48 24.27 -14.71 -4.02
CA ALA A 48 24.79 -15.69 -3.09
C ALA A 48 25.58 -15.02 -1.96
N ASN A 49 26.65 -14.30 -2.32
CA ASN A 49 27.55 -13.72 -1.33
C ASN A 49 27.01 -12.43 -0.72
N THR A 50 26.10 -11.72 -1.39
CA THR A 50 25.65 -10.44 -0.84
C THR A 50 24.63 -10.63 0.27
N PHE A 51 23.64 -11.51 0.02
CA PHE A 51 22.42 -11.62 0.79
C PHE A 51 22.26 -12.98 1.49
N GLY A 52 23.23 -13.87 1.33
CA GLY A 52 23.07 -15.23 1.81
C GLY A 52 23.20 -15.41 3.30
N ASP A 53 23.66 -14.38 4.03
CA ASP A 53 23.91 -14.55 5.46
C ASP A 53 22.76 -14.07 6.31
N VAL A 54 21.72 -13.48 5.72
CA VAL A 54 20.72 -12.79 6.51
C VAL A 54 19.68 -13.76 7.09
N LYS A 55 19.69 -13.90 8.42
CA LYS A 55 18.79 -14.84 9.09
C LYS A 55 17.48 -14.24 9.58
N PHE A 56 17.31 -12.91 9.55
CA PHE A 56 16.03 -12.29 9.90
C PHE A 56 15.63 -11.27 8.86
N PHE A 57 14.48 -11.50 8.22
CA PHE A 57 13.78 -10.40 7.60
C PHE A 57 12.92 -9.74 8.63
N ILE A 58 12.64 -8.46 8.43
CA ILE A 58 11.77 -7.74 9.35
C ILE A 58 11.28 -6.47 8.64
N THR A 59 9.98 -6.34 8.55
CA THR A 59 9.33 -5.26 7.81
C THR A 59 8.49 -4.40 8.73
N GLY A 60 8.27 -3.16 8.33
CA GLY A 60 7.46 -2.24 9.10
C GLY A 60 6.78 -1.26 8.18
N GLY A 61 5.80 -0.54 8.74
CA GLY A 61 5.06 0.43 7.98
C GLY A 61 5.89 1.36 7.11
N SER A 62 6.62 2.29 7.73
CA SER A 62 7.22 3.42 7.03
C SER A 62 8.72 3.46 7.25
N ALA A 63 9.48 3.64 6.16
CA ALA A 63 10.93 3.84 6.20
C ALA A 63 11.32 4.98 7.14
N GLU A 64 10.34 5.63 7.76
CA GLU A 64 10.60 6.42 8.96
C GLU A 64 10.80 5.53 10.18
N ARG A 65 10.31 4.30 10.14
CA ARG A 65 10.58 3.37 11.24
C ARG A 65 11.75 2.45 10.91
N MET A 66 11.60 1.62 9.88
CA MET A 66 12.59 0.57 9.61
C MET A 66 13.98 1.12 9.41
N THR A 67 14.12 2.38 8.99
CA THR A 67 15.41 3.04 9.04
C THR A 67 15.92 3.15 10.48
N HIS A 68 15.08 3.65 11.39
CA HIS A 68 15.46 3.72 12.80
C HIS A 68 15.82 2.35 13.33
N PHE A 69 14.93 1.38 13.13
CA PHE A 69 15.19 0.04 13.63
C PHE A 69 16.41 -0.60 12.98
N ALA A 70 16.73 -0.23 11.73
CA ALA A 70 17.99 -0.66 11.14
C ALA A 70 19.18 0.03 11.79
N GLN A 71 18.94 1.12 12.52
CA GLN A 71 20.02 1.67 13.32
C GLN A 71 20.06 1.05 14.71
N SER A 72 18.88 0.70 15.26
CA SER A 72 18.83 0.13 16.60
C SER A 72 19.34 -1.31 16.61
N VAL A 73 18.84 -2.14 15.69
CA VAL A 73 19.33 -3.50 15.56
C VAL A 73 20.76 -3.56 15.05
N ALA A 74 21.33 -2.44 14.61
CA ALA A 74 22.76 -2.35 14.44
C ALA A 74 23.44 -2.04 15.75
N LYS A 75 22.73 -1.32 16.63
CA LYS A 75 23.29 -1.00 17.93
C LYS A 75 23.36 -2.23 18.83
N GLU A 76 22.46 -3.20 18.67
CA GLU A 76 22.37 -4.24 19.67
C GLU A 76 23.47 -5.29 19.51
N LEU A 77 23.72 -5.74 18.27
CA LEU A 77 24.74 -6.76 18.00
C LEU A 77 26.15 -6.18 17.87
N GLY A 78 26.29 -4.88 17.69
CA GLY A 78 27.61 -4.31 17.61
C GLY A 78 28.14 -4.11 16.22
N ILE A 79 27.27 -4.08 15.21
CA ILE A 79 27.65 -3.69 13.87
C ILE A 79 27.67 -2.16 13.78
N THR A 80 27.66 -1.50 14.93
CA THR A 80 27.55 -0.05 14.98
C THR A 80 28.92 0.62 14.91
N THR A 81 29.00 1.68 14.10
CA THR A 81 30.27 2.30 13.77
C THR A 81 30.06 3.80 13.54
N PRO A 82 31.09 4.63 13.79
CA PRO A 82 30.88 6.10 13.78
C PRO A 82 30.67 6.72 12.38
N TYR A 83 30.81 5.95 11.30
CA TYR A 83 30.70 6.53 9.97
C TYR A 83 29.25 6.51 9.48
N GLY A 84 29.01 7.18 8.35
CA GLY A 84 27.71 7.16 7.70
C GLY A 84 27.40 5.78 7.16
N TYR A 85 26.62 5.00 7.91
CA TYR A 85 26.48 3.58 7.68
C TYR A 85 25.05 3.20 7.31
N GLN A 86 24.88 1.91 7.02
CA GLN A 86 23.61 1.33 6.61
C GLN A 86 22.84 2.28 5.70
N LEU A 87 23.48 2.59 4.58
CA LEU A 87 22.84 3.38 3.53
C LEU A 87 21.81 2.51 2.79
N ALA A 88 20.65 3.11 2.53
CA ALA A 88 19.50 2.35 2.06
C ALA A 88 19.89 1.55 0.82
N PRO A 89 19.54 0.30 0.74
CA PRO A 89 20.06 -0.53 -0.35
C PRO A 89 19.07 -0.71 -1.48
N ILE A 90 17.76 -0.58 -1.23
CA ILE A 90 16.80 -0.80 -2.30
C ILE A 90 16.05 0.50 -2.60
N GLY A 91 15.62 0.63 -3.88
CA GLY A 91 14.97 1.85 -4.34
C GLY A 91 13.90 1.66 -5.41
N SER A 92 14.12 2.21 -6.62
CA SER A 92 13.18 2.18 -7.74
C SER A 92 11.83 2.82 -7.39
N THR A 93 11.04 2.15 -6.56
CA THR A 93 9.89 2.79 -5.94
C THR A 93 10.39 3.36 -4.61
N SER A 94 10.21 4.67 -4.43
CA SER A 94 10.51 5.26 -3.13
C SER A 94 9.59 4.71 -2.05
N ARG A 95 8.60 3.89 -2.44
CA ARG A 95 7.73 3.22 -1.48
C ARG A 95 8.51 2.21 -0.66
N TYR A 96 9.37 1.43 -1.30
CA TYR A 96 10.19 0.40 -0.67
C TYR A 96 11.61 0.93 -0.45
N THR A 97 11.97 1.14 0.82
CA THR A 97 13.33 1.46 1.23
C THR A 97 13.85 0.30 2.09
N LEU A 98 15.13 -0.02 1.94
CA LEU A 98 15.69 -1.22 2.52
C LEU A 98 16.99 -0.84 3.21
N PHE A 99 17.47 -1.72 4.08
CA PHE A 99 18.80 -1.62 4.60
C PHE A 99 19.37 -3.04 4.66
N LYS A 100 20.65 -3.14 5.02
CA LYS A 100 21.26 -4.44 5.36
C LYS A 100 22.26 -4.20 6.49
N VAL A 101 21.83 -4.47 7.72
CA VAL A 101 22.72 -4.58 8.86
C VAL A 101 22.90 -6.05 9.20
N GLY A 102 24.15 -6.54 9.15
CA GLY A 102 24.47 -7.90 9.53
C GLY A 102 23.53 -8.90 8.90
N PRO A 103 23.14 -9.92 9.64
CA PRO A 103 22.18 -10.87 9.06
C PRO A 103 20.79 -10.30 8.94
N VAL A 104 20.57 -9.03 9.29
CA VAL A 104 19.20 -8.51 9.39
C VAL A 104 18.85 -7.83 8.07
N LEU A 105 17.62 -8.08 7.61
CA LEU A 105 17.09 -7.39 6.44
C LEU A 105 15.87 -6.57 6.89
N VAL A 106 16.12 -5.30 7.21
CA VAL A 106 15.07 -4.37 7.62
C VAL A 106 14.47 -3.69 6.39
N ALA A 107 13.21 -3.98 6.09
CA ALA A 107 12.58 -3.58 4.82
C ALA A 107 11.18 -3.02 5.05
N ASN A 108 10.99 -1.72 4.88
CA ASN A 108 9.63 -1.17 4.93
C ASN A 108 8.78 -1.74 3.77
N HIS A 109 7.50 -1.37 3.74
CA HIS A 109 6.59 -2.09 2.85
C HIS A 109 5.26 -1.39 2.64
N GLY A 110 5.19 -0.07 2.82
CA GLY A 110 3.96 0.65 2.48
C GLY A 110 2.76 0.36 3.38
N ILE A 111 1.57 0.38 2.77
CA ILE A 111 0.29 0.33 3.48
C ILE A 111 -0.57 -0.78 2.90
N GLY A 112 -0.96 -1.72 3.74
CA GLY A 112 -1.97 -2.69 3.39
C GLY A 112 -1.44 -3.82 2.53
N MET A 113 -2.31 -4.82 2.31
CA MET A 113 -1.94 -6.08 1.68
C MET A 113 -1.16 -5.95 0.37
N PRO A 114 -1.71 -5.37 -0.72
CA PRO A 114 -0.96 -5.40 -1.99
C PRO A 114 0.41 -4.77 -1.88
N SER A 115 0.52 -3.65 -1.16
CA SER A 115 1.84 -3.09 -0.92
C SER A 115 2.75 -4.13 -0.31
N ILE A 116 2.26 -4.84 0.72
CA ILE A 116 3.15 -5.73 1.43
C ILE A 116 3.35 -7.06 0.73
N SER A 117 2.49 -7.42 -0.25
CA SER A 117 2.72 -8.68 -0.98
C SER A 117 3.87 -8.58 -1.96
N ILE A 118 4.07 -7.42 -2.58
CA ILE A 118 5.18 -7.31 -3.53
C ILE A 118 6.46 -7.56 -2.77
N LEU A 119 6.83 -6.62 -1.88
CA LEU A 119 7.98 -6.77 -1.00
C LEU A 119 8.18 -8.23 -0.63
N LEU A 120 7.11 -8.88 -0.14
CA LEU A 120 7.21 -10.28 0.30
C LEU A 120 7.32 -11.26 -0.85
N HIS A 121 6.83 -10.89 -2.03
CA HIS A 121 7.02 -11.73 -3.22
C HIS A 121 8.46 -11.61 -3.72
N GLU A 122 8.89 -10.38 -4.01
CA GLU A 122 10.26 -10.10 -4.42
C GLU A 122 11.27 -10.14 -3.27
N VAL A 123 10.90 -10.42 -2.02
CA VAL A 123 11.93 -10.75 -1.04
C VAL A 123 12.17 -12.25 -1.00
N THR A 124 11.12 -13.03 -1.29
CA THR A 124 11.23 -14.48 -1.32
C THR A 124 12.29 -14.93 -2.33
N LYS A 125 12.15 -14.53 -3.60
CA LYS A 125 13.16 -14.82 -4.61
C LYS A 125 14.47 -14.09 -4.33
N LEU A 126 14.41 -12.88 -3.80
CA LEU A 126 15.63 -12.18 -3.36
C LEU A 126 16.45 -13.03 -2.40
N LEU A 127 15.77 -13.86 -1.58
CA LEU A 127 16.46 -14.81 -0.73
C LEU A 127 16.80 -16.08 -1.51
N GLU A 128 15.84 -16.66 -2.24
CA GLU A 128 16.07 -17.94 -2.91
C GLU A 128 17.35 -17.91 -3.70
N TYR A 129 17.56 -16.82 -4.44
CA TYR A 129 18.83 -16.64 -5.14
C TYR A 129 19.98 -16.58 -4.15
N ALA A 130 19.82 -15.81 -3.07
CA ALA A 130 20.81 -15.81 -1.99
C ALA A 130 20.97 -17.21 -1.37
N GLY A 131 19.93 -18.03 -1.39
CA GLY A 131 19.96 -19.37 -0.85
C GLY A 131 19.68 -19.42 0.64
N ALA A 132 18.90 -18.46 1.15
CA ALA A 132 18.74 -18.25 2.58
C ALA A 132 18.02 -19.42 3.25
N HIS A 133 18.66 -19.97 4.28
CA HIS A 133 18.14 -21.08 5.09
C HIS A 133 18.33 -20.68 6.56
N GLY A 134 17.23 -20.28 7.21
CA GLY A 134 17.26 -19.82 8.59
C GLY A 134 16.65 -18.45 8.79
N ALA A 135 15.95 -17.94 7.78
CA ALA A 135 15.54 -16.54 7.76
C ALA A 135 14.15 -16.39 8.37
N THR A 136 14.06 -15.71 9.51
CA THR A 136 12.78 -15.41 10.15
C THR A 136 12.27 -14.03 9.71
N TYR A 137 11.03 -13.98 9.24
CA TYR A 137 10.41 -12.76 8.73
C TYR A 137 9.29 -12.29 9.66
N ILE A 138 9.47 -11.11 10.25
CA ILE A 138 8.62 -10.61 11.33
C ILE A 138 8.13 -9.22 10.96
N ARG A 139 6.83 -8.99 11.13
CA ARG A 139 6.20 -7.70 10.88
C ARG A 139 6.06 -6.90 12.17
N MET A 140 6.75 -5.77 12.22
CA MET A 140 6.52 -4.76 13.24
C MET A 140 5.63 -3.66 12.68
N GLY A 141 4.73 -3.16 13.52
CA GLY A 141 3.86 -2.09 13.12
C GLY A 141 3.02 -1.66 14.29
N THR A 142 1.86 -1.09 13.99
CA THR A 142 0.96 -0.65 15.03
C THR A 142 -0.37 -1.34 14.83
N SER A 143 -1.35 -0.94 15.65
CA SER A 143 -2.72 -1.38 15.50
C SER A 143 -3.69 -0.79 16.52
N GLY A 144 -4.95 -1.20 16.40
CA GLY A 144 -5.94 -0.97 17.43
C GLY A 144 -6.29 -2.27 18.13
N GLY A 145 -6.51 -2.18 19.44
CA GLY A 145 -6.84 -3.34 20.25
C GLY A 145 -8.31 -3.47 20.52
N ILE A 146 -8.79 -4.70 20.52
CA ILE A 146 -10.09 -5.02 21.07
C ILE A 146 -9.86 -5.68 22.43
N GLY A 147 -10.42 -5.08 23.47
CA GLY A 147 -10.34 -5.61 24.83
C GLY A 147 -8.97 -5.53 25.48
N VAL A 148 -8.12 -4.57 25.06
CA VAL A 148 -6.71 -4.56 25.47
C VAL A 148 -6.18 -3.13 25.64
N GLU A 149 -6.11 -2.65 26.90
CA GLU A 149 -5.73 -1.27 27.23
C GLU A 149 -4.47 -0.87 26.48
N PRO A 150 -4.27 0.43 26.20
CA PRO A 150 -3.20 0.81 25.26
C PRO A 150 -1.85 0.32 25.75
N GLY A 151 -0.97 0.07 24.79
CA GLY A 151 0.40 -0.30 25.09
C GLY A 151 0.70 -1.78 25.15
N THR A 152 -0.23 -2.67 24.74
CA THR A 152 -0.05 -4.11 24.83
C THR A 152 0.27 -4.73 23.46
N VAL A 153 1.29 -5.60 23.42
CA VAL A 153 1.92 -6.03 22.19
C VAL A 153 1.29 -7.31 21.59
N VAL A 154 0.01 -7.27 21.30
CA VAL A 154 -0.71 -8.47 20.86
C VAL A 154 -0.01 -9.22 19.74
N ILE A 155 0.82 -10.21 20.06
CA ILE A 155 1.38 -11.05 18.99
C ILE A 155 0.24 -11.85 18.31
N THR A 156 0.46 -12.25 17.06
CA THR A 156 -0.60 -12.82 16.24
C THR A 156 -0.55 -14.34 16.30
N SER A 157 -1.73 -14.96 16.43
CA SER A 157 -1.82 -16.39 16.26
C SER A 157 -2.15 -16.71 14.80
N GLU A 158 -3.29 -16.24 14.31
CA GLU A 158 -3.72 -16.52 12.94
C GLU A 158 -4.06 -15.22 12.22
N GLY A 159 -4.36 -15.31 10.93
CA GLY A 159 -4.80 -14.13 10.22
C GLY A 159 -6.24 -14.22 9.80
N VAL A 160 -7.15 -13.67 10.61
CA VAL A 160 -8.55 -13.74 10.25
C VAL A 160 -8.86 -12.67 9.20
N ASN A 161 -10.03 -12.80 8.55
CA ASN A 161 -10.58 -11.76 7.71
C ASN A 161 -11.91 -11.30 8.30
N ASN A 162 -12.86 -10.92 7.44
CA ASN A 162 -14.13 -10.35 7.91
C ASN A 162 -15.10 -11.40 8.41
N LYS A 163 -14.82 -12.67 8.19
CA LYS A 163 -15.70 -13.71 8.68
C LYS A 163 -15.04 -14.52 9.80
N LEU A 164 -14.12 -13.87 10.54
CA LEU A 164 -13.55 -14.38 11.79
C LEU A 164 -12.95 -15.78 11.62
N GLU A 165 -12.55 -16.09 10.39
CA GLU A 165 -11.89 -17.34 10.06
C GLU A 165 -10.45 -17.10 9.62
N SER A 166 -9.61 -18.11 9.79
CA SER A 166 -8.15 -17.94 9.70
C SER A 166 -7.65 -18.13 8.27
N VAL A 167 -8.15 -17.30 7.36
CA VAL A 167 -7.95 -17.49 5.92
C VAL A 167 -8.00 -16.13 5.24
N ASP A 168 -6.95 -15.82 4.47
CA ASP A 168 -6.97 -14.71 3.54
C ASP A 168 -7.24 -15.24 2.15
N GLU A 169 -7.88 -14.43 1.32
CA GLU A 169 -8.27 -14.84 -0.02
C GLU A 169 -7.40 -14.17 -1.07
N VAL A 170 -7.02 -14.94 -2.10
CA VAL A 170 -6.03 -14.49 -3.07
C VAL A 170 -6.55 -14.85 -4.46
N ALA A 171 -7.19 -13.89 -5.13
CA ALA A 171 -7.66 -14.11 -6.50
C ALA A 171 -6.46 -14.37 -7.40
N VAL A 172 -6.53 -15.46 -8.16
CA VAL A 172 -5.46 -15.85 -9.09
C VAL A 172 -6.10 -16.23 -10.41
N LEU A 173 -6.25 -15.26 -11.30
CA LEU A 173 -7.06 -15.51 -12.46
C LEU A 173 -8.49 -15.92 -11.98
N GLY A 174 -8.61 -16.38 -10.69
CA GLY A 174 -9.77 -16.91 -9.94
C GLY A 174 -9.65 -16.88 -8.40
N SER A 175 -9.81 -18.02 -7.73
CA SER A 175 -9.86 -18.23 -6.20
C SER A 175 -8.66 -18.13 -5.18
N THR A 176 -8.33 -19.23 -4.53
CA THR A 176 -7.21 -19.42 -3.60
C THR A 176 -7.20 -19.05 -2.11
N VAL A 177 -8.12 -19.62 -1.33
CA VAL A 177 -8.19 -19.34 0.11
C VAL A 177 -6.99 -19.94 0.82
N ARG A 178 -6.02 -19.08 1.19
CA ARG A 178 -4.79 -19.52 1.83
C ARG A 178 -4.82 -19.22 3.32
N ARG A 179 -4.43 -20.21 4.12
CA ARG A 179 -4.35 -20.22 5.58
C ARG A 179 -3.46 -19.09 6.06
N PRO A 180 -3.46 -18.79 7.36
CA PRO A 180 -2.51 -17.77 7.84
C PRO A 180 -2.05 -18.09 9.23
N SER A 181 -1.48 -19.26 9.45
CA SER A 181 -0.83 -19.48 10.71
C SER A 181 0.30 -18.45 10.88
N ILE A 182 0.49 -18.01 12.11
CA ILE A 182 1.74 -17.43 12.54
C ILE A 182 2.57 -18.55 13.17
N CYS A 183 3.88 -18.35 13.28
CA CYS A 183 4.79 -19.47 13.46
C CYS A 183 5.03 -19.67 14.94
N SER A 184 4.24 -20.63 15.52
CA SER A 184 4.18 -21.04 16.93
C SER A 184 5.53 -20.83 17.61
N PRO A 185 6.45 -21.77 17.46
CA PRO A 185 7.75 -21.62 18.13
C PRO A 185 8.36 -20.26 18.02
N GLU A 186 8.30 -19.60 16.84
CA GLU A 186 8.83 -18.24 16.72
C GLU A 186 8.07 -17.29 17.64
N VAL A 187 6.73 -17.30 17.55
CA VAL A 187 5.90 -16.54 18.48
C VAL A 187 6.27 -16.86 19.93
N ARG A 188 6.50 -18.16 20.22
CA ARG A 188 7.00 -18.55 21.54
C ARG A 188 8.31 -17.87 21.85
N GLU A 189 9.12 -17.58 20.84
CA GLU A 189 10.42 -16.98 21.11
C GLU A 189 10.31 -15.47 21.22
N GLU A 190 9.30 -14.87 20.57
CA GLU A 190 8.99 -13.46 20.85
C GLU A 190 8.35 -13.33 22.23
N ILE A 191 7.36 -14.19 22.53
CA ILE A 191 6.73 -14.19 23.85
C ILE A 191 7.78 -14.41 24.94
N ILE A 192 8.69 -15.37 24.72
CA ILE A 192 9.75 -15.67 25.68
C ILE A 192 10.76 -14.52 25.73
N THR A 193 10.60 -13.52 24.84
CA THR A 193 11.55 -12.42 24.71
C THR A 193 11.01 -11.10 25.26
N ALA A 194 9.69 -11.01 25.44
CA ALA A 194 9.06 -9.95 26.21
C ALA A 194 8.65 -10.42 27.60
N ALA A 195 8.78 -11.71 27.86
CA ALA A 195 8.81 -12.19 29.24
C ALA A 195 10.23 -12.35 29.77
N LYS A 196 11.25 -12.03 28.95
CA LYS A 196 12.64 -11.99 29.38
C LYS A 196 13.10 -10.57 29.62
N GLU A 197 12.16 -9.63 29.60
CA GLU A 197 12.46 -8.23 29.89
C GLU A 197 11.55 -7.70 31.00
N VAL A 198 10.24 -7.67 30.76
CA VAL A 198 9.22 -7.22 31.71
C VAL A 198 9.33 -5.72 31.87
N GLY A 199 8.52 -5.01 31.09
CA GLY A 199 8.51 -3.56 31.07
C GLY A 199 7.30 -3.10 30.29
N LEU A 200 6.53 -4.05 29.77
CA LEU A 200 5.41 -3.80 28.88
C LEU A 200 4.53 -5.04 28.71
N PRO A 201 3.20 -4.91 28.68
CA PRO A 201 2.36 -6.12 28.68
C PRO A 201 2.37 -6.79 27.31
N TYR A 202 2.76 -8.06 27.28
CA TYR A 202 3.07 -8.78 26.02
C TYR A 202 2.26 -10.06 25.90
N ALA A 203 1.06 -9.94 25.34
CA ALA A 203 0.13 -11.05 25.17
C ALA A 203 -0.13 -11.36 23.69
N VAL A 204 -0.84 -12.45 23.44
CA VAL A 204 -1.01 -12.98 22.10
C VAL A 204 -2.49 -12.98 21.74
N GLY A 205 -2.80 -12.74 20.46
CA GLY A 205 -4.19 -12.85 20.03
C GLY A 205 -4.33 -12.66 18.54
N LYS A 206 -5.38 -13.27 17.99
CA LYS A 206 -5.69 -13.24 16.55
C LYS A 206 -5.89 -11.81 16.04
N THR A 207 -5.74 -11.63 14.74
CA THR A 207 -5.89 -10.31 14.15
C THR A 207 -6.89 -10.27 13.02
N LEU A 208 -7.72 -9.23 13.04
CA LEU A 208 -8.53 -8.77 11.93
C LEU A 208 -7.63 -7.84 11.12
N SER A 209 -6.98 -8.42 10.13
CA SER A 209 -6.19 -7.70 9.15
C SER A 209 -7.16 -7.22 8.08
N CYS A 210 -7.37 -5.92 7.98
CA CYS A 210 -8.42 -5.44 7.09
C CYS A 210 -7.88 -4.60 5.92
N ASN A 211 -8.72 -4.45 4.91
CA ASN A 211 -8.34 -3.67 3.74
C ASN A 211 -8.90 -2.26 3.74
N ASP A 212 -9.81 -1.91 4.65
CA ASP A 212 -10.33 -0.55 4.71
C ASP A 212 -10.21 -0.01 6.14
N PHE A 213 -9.27 0.92 6.33
CA PHE A 213 -9.01 1.53 7.64
C PHE A 213 -10.27 2.09 8.26
N TYR A 214 -11.22 2.59 7.47
CA TYR A 214 -12.34 3.33 8.06
C TYR A 214 -13.58 2.45 8.23
N GLU A 215 -14.10 1.92 7.14
CA GLU A 215 -15.34 1.18 7.32
C GLU A 215 -15.06 -0.23 7.80
N GLY A 216 -14.00 -0.85 7.28
CA GLY A 216 -13.70 -2.22 7.66
C GLY A 216 -13.55 -2.34 9.16
N GLN A 217 -12.68 -1.52 9.70
CA GLN A 217 -12.34 -1.43 11.10
C GLN A 217 -13.50 -1.02 12.01
N GLY A 218 -14.78 -1.06 11.68
CA GLY A 218 -15.82 -0.47 12.52
C GLY A 218 -16.02 1.03 12.38
N ARG A 219 -14.98 1.79 12.09
CA ARG A 219 -14.90 3.17 12.58
C ARG A 219 -16.03 4.08 12.08
N LEU A 220 -16.19 5.19 12.79
CA LEU A 220 -17.35 6.08 12.70
C LEU A 220 -16.97 7.47 12.23
N ASP A 221 -15.87 7.60 11.50
CA ASP A 221 -15.40 8.89 11.05
C ASP A 221 -14.70 8.75 9.68
N GLY A 222 -15.37 8.06 8.76
CA GLY A 222 -14.95 7.97 7.38
C GLY A 222 -15.72 8.93 6.50
N ALA A 223 -16.09 8.46 5.33
CA ALA A 223 -16.89 9.27 4.41
C ALA A 223 -17.99 8.46 3.75
N ILE A 224 -18.14 7.18 4.10
CA ILE A 224 -19.22 6.33 3.59
C ILE A 224 -19.65 5.40 4.70
N CYS A 225 -20.62 5.81 5.53
CA CYS A 225 -20.94 5.21 6.83
C CYS A 225 -22.39 4.69 6.84
N GLU A 226 -22.57 3.36 6.76
CA GLU A 226 -23.90 2.75 6.71
C GLU A 226 -24.12 1.83 7.90
N TYR A 227 -23.72 2.32 9.07
CA TYR A 227 -23.90 1.64 10.35
C TYR A 227 -23.57 2.68 11.42
N THR A 228 -23.80 2.32 12.68
CA THR A 228 -23.63 3.31 13.75
C THR A 228 -22.53 2.91 14.72
N LEU A 229 -22.74 3.13 16.02
CA LEU A 229 -21.91 2.60 17.09
C LEU A 229 -22.48 1.32 17.67
N GLU A 230 -23.78 1.32 17.94
CA GLU A 230 -24.48 0.11 18.41
C GLU A 230 -24.19 -1.09 17.54
N ASP A 231 -23.82 -0.88 16.27
CA ASP A 231 -23.57 -1.93 15.29
C ASP A 231 -22.08 -2.14 15.01
N LYS A 232 -21.23 -1.15 15.31
CA LYS A 232 -19.77 -1.35 15.37
C LYS A 232 -19.38 -2.05 16.67
N MET A 233 -20.09 -1.76 17.77
CA MET A 233 -19.99 -2.53 19.01
C MET A 233 -20.21 -4.01 18.76
N ALA A 234 -21.27 -4.36 18.04
CA ALA A 234 -21.54 -5.78 17.82
C ALA A 234 -20.32 -6.45 17.23
N PHE A 235 -19.88 -6.00 16.04
CA PHE A 235 -18.75 -6.56 15.30
C PHE A 235 -17.52 -6.64 16.20
N LEU A 236 -16.89 -5.50 16.49
CA LEU A 236 -15.75 -5.49 17.41
C LEU A 236 -15.90 -6.51 18.54
N GLN A 237 -17.03 -6.46 19.25
CA GLN A 237 -17.27 -7.43 20.32
C GLN A 237 -17.48 -8.85 19.78
N LYS A 238 -17.78 -8.98 18.47
CA LYS A 238 -17.71 -10.28 17.81
C LYS A 238 -16.30 -10.59 17.33
N LEU A 239 -15.52 -9.57 16.99
CA LEU A 239 -14.10 -9.81 16.80
C LEU A 239 -13.49 -10.36 18.08
N ALA A 240 -13.88 -9.79 19.23
CA ALA A 240 -13.26 -10.21 20.48
C ALA A 240 -13.62 -11.63 20.82
N ASP A 241 -14.93 -11.91 20.87
CA ASP A 241 -15.44 -13.24 21.21
C ASP A 241 -15.04 -14.32 20.20
N ALA A 242 -14.42 -13.98 19.08
CA ALA A 242 -14.10 -14.98 18.05
C ALA A 242 -12.63 -15.36 18.01
N GLY A 243 -11.74 -14.54 18.58
CA GLY A 243 -10.33 -14.81 18.73
C GLY A 243 -9.50 -13.56 18.57
N VAL A 244 -10.10 -12.50 18.00
CA VAL A 244 -9.33 -11.37 17.46
C VAL A 244 -8.97 -10.36 18.53
N ARG A 245 -7.67 -10.03 18.66
CA ARG A 245 -7.22 -9.19 19.77
C ARG A 245 -6.46 -7.94 19.34
N ASN A 246 -6.62 -7.51 18.08
CA ASN A 246 -5.68 -6.58 17.45
C ASN A 246 -6.14 -6.30 16.03
N ILE A 247 -6.15 -5.04 15.61
CA ILE A 247 -6.70 -4.67 14.30
C ILE A 247 -5.67 -3.91 13.49
N GLU A 248 -5.38 -4.39 12.27
CA GLU A 248 -4.41 -3.75 11.39
C GLU A 248 -4.75 -4.00 9.91
N MET A 249 -3.76 -4.03 9.01
CA MET A 249 -4.10 -4.16 7.59
C MET A 249 -3.20 -5.09 6.78
N GLU A 250 -1.98 -5.43 7.23
CA GLU A 250 -1.05 -6.14 6.36
C GLU A 250 -0.91 -7.64 6.65
N ALA A 251 -1.53 -8.16 7.70
CA ALA A 251 -0.99 -9.36 8.30
C ALA A 251 -1.60 -10.68 7.83
N ARG A 252 -2.87 -10.72 7.38
CA ARG A 252 -3.36 -12.03 6.97
C ARG A 252 -2.44 -12.59 5.90
N LEU A 253 -2.53 -12.05 4.68
CA LEU A 253 -1.49 -12.13 3.66
C LEU A 253 -0.15 -12.50 4.27
N MET A 254 0.32 -11.70 5.26
CA MET A 254 1.69 -11.87 5.75
C MET A 254 1.86 -13.17 6.53
N ALA A 255 0.78 -13.94 6.63
CA ALA A 255 0.84 -15.27 7.19
C ALA A 255 0.44 -16.32 6.19
N GLY A 256 -0.40 -15.98 5.22
CA GLY A 256 -0.59 -16.87 4.08
C GLY A 256 0.70 -17.12 3.34
N PHE A 257 1.42 -16.04 3.00
CA PHE A 257 2.61 -16.16 2.17
C PHE A 257 3.71 -16.95 2.87
N CYS A 258 4.16 -16.45 4.01
CA CYS A 258 5.31 -17.06 4.67
C CYS A 258 5.04 -18.50 5.07
N HIS A 259 3.81 -18.82 5.49
CA HIS A 259 3.48 -20.23 5.74
C HIS A 259 3.62 -21.07 4.47
N LYS A 260 3.43 -20.46 3.29
CA LYS A 260 3.61 -21.12 1.98
C LYS A 260 4.85 -20.62 1.22
N LEU A 261 5.82 -20.05 1.94
CA LEU A 261 7.18 -19.93 1.44
C LEU A 261 8.16 -20.68 2.35
N ASN A 262 7.64 -21.53 3.25
CA ASN A 262 8.43 -22.25 4.25
C ASN A 262 9.24 -21.28 5.11
N ILE A 263 8.77 -20.06 5.25
CA ILE A 263 9.44 -18.97 5.95
C ILE A 263 8.65 -18.67 7.23
N PRO A 264 9.25 -18.80 8.38
CA PRO A 264 8.49 -18.56 9.62
C PRO A 264 8.07 -17.10 9.79
N VAL A 265 6.76 -16.81 9.81
CA VAL A 265 6.29 -15.43 9.96
C VAL A 265 5.85 -15.18 11.39
N ALA A 266 5.73 -13.90 11.73
CA ALA A 266 5.13 -13.41 12.96
C ALA A 266 4.84 -11.92 12.82
N VAL A 267 3.87 -11.43 13.59
CA VAL A 267 3.48 -10.03 13.63
C VAL A 267 3.59 -9.52 15.07
N VAL A 268 4.19 -8.33 15.24
CA VAL A 268 4.50 -7.75 16.55
C VAL A 268 3.99 -6.31 16.58
N CYS A 269 2.81 -6.07 17.18
CA CYS A 269 2.04 -4.86 16.89
C CYS A 269 1.44 -4.26 18.15
N VAL A 270 2.15 -3.29 18.73
CA VAL A 270 1.62 -2.46 19.80
C VAL A 270 0.20 -2.07 19.41
N THR A 271 -0.76 -2.19 20.34
CA THR A 271 -2.12 -1.72 20.08
C THR A 271 -2.26 -0.31 20.64
N LEU A 272 -2.85 0.58 19.84
CA LEU A 272 -2.74 2.00 20.09
C LEU A 272 -3.97 2.58 20.78
N LEU A 273 -4.78 1.70 21.39
CA LEU A 273 -6.08 2.00 21.97
C LEU A 273 -6.74 0.65 22.16
N ASN A 274 -7.84 0.65 22.93
CA ASN A 274 -8.81 -0.47 22.95
C ASN A 274 -10.12 0.10 22.43
N ARG A 275 -10.48 -0.25 21.18
CA ARG A 275 -11.62 0.34 20.49
C ARG A 275 -12.94 -0.06 21.08
N LEU A 276 -12.94 -0.80 22.18
CA LEU A 276 -14.16 -0.97 22.97
C LEU A 276 -14.50 0.27 23.79
N ASN A 277 -13.64 1.29 23.82
CA ASN A 277 -13.98 2.59 24.40
C ASN A 277 -14.09 3.73 23.39
N GLY A 278 -13.72 3.54 22.13
CA GLY A 278 -13.73 4.65 21.19
C GLY A 278 -13.19 4.34 19.80
N ASP A 279 -12.67 5.38 19.12
CA ASP A 279 -12.23 5.31 17.73
C ASP A 279 -11.07 6.28 17.47
N GLN A 280 -10.87 7.22 18.39
CA GLN A 280 -9.68 8.04 18.45
C GLN A 280 -9.15 7.96 19.88
N VAL A 281 -7.90 8.40 20.05
CA VAL A 281 -7.05 8.09 21.21
C VAL A 281 -7.18 9.13 22.32
N LEU A 282 -6.53 8.86 23.47
CA LEU A 282 -6.70 9.66 24.69
C LEU A 282 -5.40 10.12 25.32
N SER A 283 -4.38 9.26 25.38
CA SER A 283 -3.10 9.62 25.97
C SER A 283 -2.37 10.67 25.14
N SER A 284 -1.58 11.50 25.82
CA SER A 284 -0.90 12.62 25.18
C SER A 284 0.19 12.09 24.24
N HIS A 285 1.02 12.99 23.73
CA HIS A 285 2.05 12.55 22.79
C HIS A 285 3.07 11.64 23.47
N GLU A 286 3.50 11.99 24.69
CA GLU A 286 4.65 11.23 25.18
C GLU A 286 4.28 9.76 25.38
N THR A 287 3.01 9.46 25.70
CA THR A 287 2.60 8.08 25.95
C THR A 287 2.70 7.22 24.71
N LEU A 288 2.06 7.63 23.59
CA LEU A 288 2.12 6.85 22.34
C LEU A 288 3.55 6.52 21.94
N GLN A 289 4.51 7.33 22.40
CA GLN A 289 5.87 7.36 21.90
C GLN A 289 6.72 6.21 22.41
N ASP A 290 6.40 5.68 23.60
CA ASP A 290 7.08 4.48 24.07
C ASP A 290 6.40 3.24 23.52
N PHE A 291 5.08 3.16 23.71
CA PHE A 291 4.25 2.18 23.03
C PHE A 291 4.80 1.91 21.64
N GLU A 292 4.89 2.97 20.80
CA GLU A 292 5.27 2.83 19.39
C GLU A 292 6.62 2.18 19.22
N ARG A 293 7.49 2.28 20.22
CA ARG A 293 8.87 1.79 20.16
C ARG A 293 9.04 0.44 20.86
N ARG A 294 7.95 -0.24 21.16
CA ARG A 294 8.05 -1.51 21.87
C ARG A 294 8.13 -2.73 20.95
N PRO A 295 7.41 -2.77 19.83
CA PRO A 295 7.59 -3.92 18.92
C PRO A 295 9.04 -4.11 18.50
N GLY A 296 9.72 -3.03 18.08
CA GLY A 296 11.15 -3.11 17.80
C GLY A 296 11.98 -3.36 19.04
N ALA A 297 11.70 -2.65 20.13
CA ALA A 297 12.44 -2.86 21.37
C ALA A 297 12.42 -4.33 21.77
N VAL A 298 11.31 -5.01 21.53
CA VAL A 298 11.27 -6.45 21.75
C VAL A 298 11.70 -7.24 20.53
N LEU A 299 11.52 -6.71 19.31
CA LEU A 299 12.03 -7.38 18.11
C LEU A 299 13.53 -7.26 17.98
N LEU A 300 14.12 -6.16 18.45
CA LEU A 300 15.56 -5.99 18.30
C LEU A 300 16.33 -6.82 19.32
N HIS A 301 15.80 -6.96 20.55
CA HIS A 301 16.46 -7.80 21.56
C HIS A 301 16.17 -9.27 21.31
N TYR A 302 14.91 -9.63 21.02
CA TYR A 302 14.59 -10.93 20.46
C TYR A 302 15.63 -11.30 19.41
N ILE A 303 16.02 -10.32 18.60
CA ILE A 303 16.95 -10.62 17.53
C ILE A 303 18.37 -10.80 18.07
N LYS A 304 18.87 -9.79 18.81
CA LYS A 304 20.21 -9.89 19.38
C LYS A 304 20.41 -11.21 20.08
N SER A 305 19.33 -11.73 20.69
CA SER A 305 19.34 -12.96 21.45
C SER A 305 19.34 -14.21 20.57
N LYS A 306 18.95 -14.08 19.30
CA LYS A 306 19.21 -15.11 18.30
C LYS A 306 20.56 -14.95 17.61
N VAL A 307 21.15 -13.75 17.68
CA VAL A 307 22.49 -13.55 17.19
C VAL A 307 23.54 -13.80 18.26
N ASN A 308 23.20 -13.63 19.53
CA ASN A 308 24.10 -14.07 20.59
C ASN A 308 24.25 -15.59 20.58
N ALA A 309 23.15 -16.32 20.52
CA ALA A 309 23.10 -17.77 20.70
C ALA A 309 23.35 -18.57 19.44
N SER A 310 23.34 -17.95 18.27
CA SER A 310 23.64 -18.70 17.06
C SER A 310 25.14 -18.94 17.05
N THR B 14 -21.72 24.63 -7.47
CA THR B 14 -22.60 23.80 -8.29
C THR B 14 -22.61 22.34 -7.82
N ALA B 15 -21.42 21.79 -7.55
CA ALA B 15 -21.28 20.38 -7.16
C ALA B 15 -20.16 20.25 -6.13
N GLN B 16 -20.52 20.12 -4.85
CA GLN B 16 -19.55 20.11 -3.76
C GLN B 16 -19.00 18.69 -3.54
N VAL B 17 -18.18 18.53 -2.49
CA VAL B 17 -17.66 17.23 -2.07
C VAL B 17 -18.55 16.70 -0.95
N HIS B 18 -19.27 15.61 -1.23
CA HIS B 18 -20.23 15.05 -0.31
C HIS B 18 -19.58 13.92 0.48
N VAL B 19 -19.73 13.96 1.81
CA VAL B 19 -19.25 12.91 2.70
C VAL B 19 -20.45 12.12 3.20
N ARG B 20 -20.40 10.79 3.04
CA ARG B 20 -21.53 9.92 3.36
C ARG B 20 -21.40 9.39 4.78
N ASN B 21 -21.40 10.33 5.73
CA ASN B 21 -21.13 10.00 7.13
C ASN B 21 -21.93 10.95 8.00
N SER B 22 -22.81 10.42 8.83
CA SER B 22 -23.62 11.29 9.68
C SER B 22 -22.85 11.73 10.93
N HIS B 23 -22.06 10.83 11.52
CA HIS B 23 -21.38 11.11 12.78
C HIS B 23 -20.26 12.12 12.63
N ILE B 24 -20.00 12.62 11.42
CA ILE B 24 -18.96 13.61 11.24
C ILE B 24 -19.41 14.98 11.73
N LEU B 25 -20.72 15.21 11.77
CA LEU B 25 -21.25 16.46 12.33
C LEU B 25 -21.19 16.46 13.86
N GLU B 26 -21.59 15.35 14.48
CA GLU B 26 -21.49 15.21 15.93
C GLU B 26 -20.08 14.75 16.30
N MET B 27 -19.14 15.70 16.17
CA MET B 27 -17.73 15.46 16.39
C MET B 27 -17.05 16.79 16.72
N HIS B 28 -16.20 16.79 17.75
CA HIS B 28 -15.58 18.04 18.19
C HIS B 28 -14.43 18.46 17.26
N SER B 29 -13.39 17.65 17.20
CA SER B 29 -12.24 17.88 16.33
C SER B 29 -11.92 16.58 15.61
N ASP B 30 -11.92 16.62 14.29
CA ASP B 30 -11.59 15.45 13.47
C ASP B 30 -10.14 15.52 13.01
N VAL B 31 -9.33 14.60 13.49
CA VAL B 31 -7.96 14.49 13.05
C VAL B 31 -7.90 13.58 11.82
N LEU B 32 -6.82 13.70 11.07
CA LEU B 32 -6.53 12.84 9.93
C LEU B 32 -5.20 12.17 10.27
N PHE B 33 -5.25 10.88 10.60
CA PHE B 33 -4.10 10.29 11.25
C PHE B 33 -2.95 10.04 10.29
N HIS B 34 -3.21 10.02 8.99
CA HIS B 34 -2.16 9.75 8.02
C HIS B 34 -1.66 11.01 7.31
N ILE B 35 -2.39 12.12 7.43
CA ILE B 35 -1.86 13.42 7.01
C ILE B 35 -1.44 14.28 8.18
N GLY B 36 -1.58 13.80 9.41
CA GLY B 36 -1.21 14.60 10.57
C GLY B 36 -2.06 15.84 10.71
N LEU B 37 -2.98 16.05 9.75
CA LEU B 37 -3.83 17.22 9.72
C LEU B 37 -4.81 17.17 10.88
N THR B 38 -5.40 18.32 11.22
CA THR B 38 -6.46 18.36 12.20
C THR B 38 -7.26 19.64 12.04
N CYS B 39 -8.47 19.63 12.65
CA CYS B 39 -9.49 20.64 12.39
C CYS B 39 -9.92 21.42 13.65
N SER B 40 -9.11 21.39 14.71
CA SER B 40 -9.36 22.25 15.87
C SER B 40 -8.21 23.21 16.15
N ARG B 44 -5.99 23.02 13.74
CA ARG B 44 -4.80 23.85 13.56
C ARG B 44 -4.87 24.65 12.27
N GLN B 45 -5.14 23.96 11.16
CA GLN B 45 -4.96 24.46 9.80
C GLN B 45 -6.32 24.78 9.18
N GLN B 46 -6.59 26.08 8.97
CA GLN B 46 -7.89 26.51 8.47
C GLN B 46 -8.16 25.93 7.09
N VAL B 47 -8.99 24.88 7.03
CA VAL B 47 -9.22 24.17 5.77
C VAL B 47 -9.82 25.12 4.72
N ALA B 48 -10.96 25.74 5.04
CA ALA B 48 -11.62 26.65 4.10
C ALA B 48 -10.63 27.57 3.41
N ASN B 49 -9.92 28.39 4.20
CA ASN B 49 -9.05 29.41 3.62
C ASN B 49 -7.85 28.79 2.93
N THR B 50 -7.40 27.62 3.39
CA THR B 50 -6.24 26.98 2.79
C THR B 50 -6.62 26.13 1.58
N PHE B 51 -7.67 25.31 1.72
CA PHE B 51 -7.99 24.26 0.75
C PHE B 51 -9.29 24.53 0.00
N GLY B 52 -9.74 25.77 -0.09
CA GLY B 52 -10.97 26.03 -0.83
C GLY B 52 -10.74 26.14 -2.33
N ASP B 53 -9.54 26.58 -2.71
CA ASP B 53 -9.16 26.72 -4.11
C ASP B 53 -9.31 25.43 -4.93
N VAL B 54 -8.84 24.28 -4.41
CA VAL B 54 -8.47 23.13 -5.24
C VAL B 54 -9.65 22.57 -6.02
N LYS B 55 -9.47 22.43 -7.33
CA LYS B 55 -10.43 21.83 -8.24
C LYS B 55 -9.90 20.57 -8.91
N PHE B 56 -8.70 20.12 -8.54
CA PHE B 56 -8.22 18.81 -8.97
C PHE B 56 -7.39 18.16 -7.87
N PHE B 57 -7.63 16.89 -7.65
CA PHE B 57 -6.68 16.08 -6.89
C PHE B 57 -5.98 15.15 -7.88
N ILE B 58 -4.67 15.01 -7.74
CA ILE B 58 -3.85 14.17 -8.62
C ILE B 58 -3.01 13.26 -7.75
N THR B 59 -2.93 11.97 -8.09
CA THR B 59 -2.25 11.03 -7.21
C THR B 59 -1.45 9.98 -7.97
N GLY B 60 -0.53 9.33 -7.25
CA GLY B 60 0.19 8.17 -7.75
C GLY B 60 0.84 7.32 -6.66
N GLY B 61 1.85 6.54 -7.02
CA GLY B 61 2.48 5.71 -6.02
C GLY B 61 3.57 6.40 -5.23
N SER B 62 4.71 6.68 -5.87
CA SER B 62 5.87 7.16 -5.13
C SER B 62 5.77 8.66 -4.87
N ALA B 63 6.66 9.14 -3.99
CA ALA B 63 6.78 10.55 -3.67
C ALA B 63 7.65 11.30 -4.66
N GLU B 64 8.65 10.62 -5.20
CA GLU B 64 9.55 11.21 -6.18
C GLU B 64 8.93 11.33 -7.56
N ARG B 65 7.79 10.69 -7.81
CA ARG B 65 7.03 10.91 -9.04
C ARG B 65 5.94 11.97 -8.88
N MET B 66 5.37 12.10 -7.67
CA MET B 66 4.38 13.14 -7.47
C MET B 66 5.04 14.50 -7.20
N THR B 67 6.22 14.48 -6.55
CA THR B 67 6.98 15.71 -6.41
C THR B 67 7.46 16.20 -7.76
N HIS B 68 7.81 15.27 -8.65
CA HIS B 68 8.25 15.67 -9.99
C HIS B 68 7.13 16.37 -10.75
N PHE B 69 5.88 15.94 -10.51
CA PHE B 69 4.70 16.50 -11.17
C PHE B 69 4.28 17.81 -10.52
N ALA B 70 4.41 17.90 -9.19
CA ALA B 70 3.95 19.10 -8.48
C ALA B 70 4.89 20.28 -8.73
N GLN B 71 6.20 20.05 -8.75
CA GLN B 71 7.13 21.04 -9.28
C GLN B 71 7.05 21.17 -10.81
N SER B 72 6.15 20.41 -11.45
CA SER B 72 5.96 20.48 -12.89
C SER B 72 4.69 21.23 -13.28
N VAL B 73 3.60 21.05 -12.54
CA VAL B 73 2.41 21.83 -12.82
C VAL B 73 2.63 23.31 -12.50
N ALA B 74 3.51 23.60 -11.53
CA ALA B 74 3.74 24.98 -11.10
C ALA B 74 4.47 25.80 -12.16
N LYS B 75 5.26 25.16 -13.01
CA LYS B 75 5.93 25.84 -14.12
C LYS B 75 5.10 25.81 -15.40
N GLU B 76 3.99 25.06 -15.38
CA GLU B 76 3.11 24.87 -16.52
C GLU B 76 1.90 25.80 -16.47
N LEU B 77 1.62 26.42 -15.33
CA LEU B 77 0.63 27.48 -15.31
C LEU B 77 1.25 28.86 -15.12
N GLY B 78 2.46 28.93 -14.59
CA GLY B 78 3.14 30.19 -14.42
C GLY B 78 3.06 30.76 -13.02
N ILE B 79 3.04 29.92 -11.99
CA ILE B 79 3.10 30.38 -10.61
C ILE B 79 4.41 30.00 -9.93
N THR B 80 5.30 29.30 -10.63
CA THR B 80 6.55 28.85 -10.02
C THR B 80 7.44 30.02 -9.62
N THR B 81 8.33 29.76 -8.68
CA THR B 81 9.26 30.74 -8.14
C THR B 81 10.60 30.05 -7.93
N PRO B 82 11.71 30.82 -7.91
CA PRO B 82 13.05 30.21 -7.88
C PRO B 82 13.56 29.79 -6.50
N TYR B 83 12.85 30.08 -5.42
CA TYR B 83 13.26 29.65 -4.09
C TYR B 83 12.71 28.26 -3.79
N GLY B 84 13.14 27.71 -2.65
CA GLY B 84 12.73 26.37 -2.26
C GLY B 84 11.25 26.21 -1.95
N TYR B 85 10.38 26.19 -2.97
CA TYR B 85 8.96 26.04 -2.72
C TYR B 85 8.56 24.57 -2.62
N GLN B 86 7.28 24.31 -2.90
CA GLN B 86 6.68 22.97 -3.00
C GLN B 86 7.14 22.05 -1.86
N LEU B 87 7.10 22.60 -0.65
CA LEU B 87 7.52 21.85 0.52
C LEU B 87 6.37 21.00 1.08
N ALA B 88 6.72 19.79 1.51
CA ALA B 88 5.75 18.74 1.78
C ALA B 88 4.69 19.21 2.78
N PRO B 89 3.40 18.87 2.55
CA PRO B 89 2.32 19.41 3.41
C PRO B 89 1.66 18.41 4.35
N ILE B 90 2.10 17.15 4.36
CA ILE B 90 1.50 16.19 5.29
C ILE B 90 2.51 15.14 5.75
N GLY B 91 2.75 15.10 7.06
CA GLY B 91 3.71 14.17 7.64
C GLY B 91 3.06 13.00 8.35
N SER B 92 3.38 12.82 9.63
CA SER B 92 2.85 11.73 10.46
C SER B 92 3.28 10.38 9.91
N THR B 93 2.79 10.02 8.73
CA THR B 93 3.36 8.94 7.95
C THR B 93 4.27 9.55 6.88
N SER B 94 5.39 8.90 6.64
CA SER B 94 6.22 9.29 5.51
C SER B 94 5.73 8.66 4.22
N ARG B 95 4.95 7.58 4.33
CA ARG B 95 4.33 6.92 3.19
C ARG B 95 3.72 7.92 2.23
N TYR B 96 2.72 8.65 2.70
CA TYR B 96 2.07 9.69 1.94
C TYR B 96 2.91 10.95 1.91
N THR B 97 2.81 11.68 0.81
CA THR B 97 3.47 12.99 0.70
C THR B 97 2.70 13.82 -0.32
N LEU B 98 2.42 15.06 0.03
CA LEU B 98 1.59 15.94 -0.79
C LEU B 98 2.15 17.35 -0.80
N PHE B 99 1.90 18.05 -1.92
CA PHE B 99 2.21 19.45 -2.11
C PHE B 99 1.00 20.13 -2.71
N LYS B 100 0.77 21.39 -2.37
CA LYS B 100 -0.34 22.14 -2.90
C LYS B 100 0.19 23.31 -3.69
N VAL B 101 0.03 23.26 -5.01
CA VAL B 101 0.37 24.37 -5.89
C VAL B 101 -0.92 24.81 -6.57
N GLY B 102 -1.22 26.10 -6.45
CA GLY B 102 -2.42 26.69 -6.99
C GLY B 102 -3.69 25.90 -6.68
N PRO B 103 -4.46 25.59 -7.75
CA PRO B 103 -5.70 24.85 -7.58
C PRO B 103 -5.45 23.36 -7.66
N VAL B 104 -4.20 22.94 -7.57
CA VAL B 104 -3.85 21.54 -7.70
C VAL B 104 -3.51 21.02 -6.32
N LEU B 105 -3.93 19.78 -6.05
CA LEU B 105 -3.63 19.05 -4.82
C LEU B 105 -3.02 17.73 -5.28
N VAL B 106 -1.69 17.64 -5.23
CA VAL B 106 -0.95 16.44 -5.60
C VAL B 106 -0.62 15.66 -4.34
N ALA B 107 -0.85 14.35 -4.36
CA ALA B 107 -0.48 13.53 -3.21
C ALA B 107 -0.15 12.12 -3.67
N ASN B 108 0.99 11.59 -3.21
CA ASN B 108 1.31 10.18 -3.44
C ASN B 108 0.43 9.29 -2.56
N HIS B 109 0.10 8.12 -3.09
CA HIS B 109 -0.70 7.17 -2.32
C HIS B 109 0.03 5.86 -1.99
N GLY B 110 1.08 5.50 -2.71
CA GLY B 110 1.74 4.23 -2.50
C GLY B 110 1.11 3.10 -3.29
N ILE B 111 0.97 1.92 -2.70
CA ILE B 111 0.57 0.72 -3.43
C ILE B 111 -0.73 0.14 -2.89
N GLY B 112 -1.33 -0.70 -3.72
CA GLY B 112 -2.54 -1.38 -3.36
C GLY B 112 -3.73 -0.46 -3.27
N MET B 113 -4.93 -1.09 -3.25
CA MET B 113 -6.17 -0.41 -2.87
C MET B 113 -6.16 0.00 -1.39
N PRO B 114 -5.63 -0.82 -0.45
CA PRO B 114 -5.61 -0.40 0.96
C PRO B 114 -4.98 0.95 1.20
N SER B 115 -3.81 1.22 0.61
CA SER B 115 -3.18 2.52 0.84
C SER B 115 -4.04 3.61 0.27
N ILE B 116 -4.45 3.44 -0.99
CA ILE B 116 -5.03 4.55 -1.73
C ILE B 116 -6.36 4.97 -1.11
N SER B 117 -7.07 4.04 -0.46
CA SER B 117 -8.31 4.42 0.22
C SER B 117 -8.09 5.25 1.48
N ILE B 118 -6.89 5.22 2.06
CA ILE B 118 -6.63 6.04 3.23
C ILE B 118 -6.37 7.48 2.82
N LEU B 119 -5.64 7.68 1.74
CA LEU B 119 -5.46 9.02 1.22
C LEU B 119 -6.79 9.59 0.77
N LEU B 120 -7.64 8.76 0.15
CA LEU B 120 -8.88 9.23 -0.46
C LEU B 120 -9.91 9.60 0.60
N HIS B 121 -9.97 8.84 1.69
CA HIS B 121 -11.02 9.06 2.69
C HIS B 121 -10.77 10.32 3.51
N GLU B 122 -9.55 10.52 4.01
CA GLU B 122 -9.37 11.77 4.74
C GLU B 122 -9.27 12.97 3.80
N VAL B 123 -8.71 12.80 2.58
CA VAL B 123 -8.72 13.90 1.61
C VAL B 123 -10.15 14.41 1.38
N THR B 124 -11.05 13.50 0.99
CA THR B 124 -12.44 13.87 0.75
C THR B 124 -13.18 14.34 2.01
N LYS B 125 -12.67 14.02 3.19
CA LYS B 125 -13.04 14.78 4.38
C LYS B 125 -12.41 16.16 4.33
N LEU B 126 -11.11 16.22 4.05
CA LEU B 126 -10.40 17.50 4.00
C LEU B 126 -10.98 18.41 2.92
N LEU B 127 -11.39 17.85 1.80
CA LEU B 127 -11.98 18.70 0.77
C LEU B 127 -13.44 19.02 1.04
N GLU B 128 -14.14 18.19 1.82
CA GLU B 128 -15.53 18.52 2.13
C GLU B 128 -15.61 19.71 3.07
N TYR B 129 -14.98 19.59 4.26
CA TYR B 129 -14.86 20.72 5.18
C TYR B 129 -14.37 21.98 4.48
N ALA B 130 -13.54 21.85 3.45
CA ALA B 130 -13.02 23.02 2.75
C ALA B 130 -14.07 23.72 1.89
N GLY B 131 -15.21 23.07 1.63
CA GLY B 131 -16.17 23.64 0.70
C GLY B 131 -15.64 23.71 -0.72
N ALA B 132 -15.09 22.59 -1.20
CA ALA B 132 -14.51 22.49 -2.53
C ALA B 132 -15.53 21.88 -3.49
N HIS B 133 -15.96 22.67 -4.47
CA HIS B 133 -16.86 22.23 -5.53
C HIS B 133 -16.15 22.38 -6.87
N GLY B 134 -15.97 21.26 -7.57
CA GLY B 134 -15.20 21.20 -8.79
C GLY B 134 -14.02 20.25 -8.71
N ALA B 135 -13.65 19.82 -7.50
CA ALA B 135 -12.46 18.99 -7.29
C ALA B 135 -12.53 17.68 -8.06
N THR B 136 -12.15 17.70 -9.33
CA THR B 136 -11.90 16.45 -10.03
C THR B 136 -10.73 15.73 -9.35
N TYR B 137 -10.68 14.42 -9.47
CA TYR B 137 -9.67 13.62 -8.81
C TYR B 137 -9.06 12.70 -9.85
N ILE B 138 -7.74 12.70 -9.98
CA ILE B 138 -7.07 11.99 -11.07
C ILE B 138 -5.95 11.11 -10.52
N ARG B 139 -5.84 9.92 -11.09
CA ARG B 139 -4.74 8.98 -10.85
C ARG B 139 -3.78 8.99 -12.04
N MET B 140 -2.50 8.67 -11.79
CA MET B 140 -1.53 8.63 -12.87
C MET B 140 -0.45 7.61 -12.54
N GLY B 141 -0.39 6.52 -13.29
CA GLY B 141 0.56 5.51 -12.95
C GLY B 141 0.91 4.53 -14.04
N THR B 142 1.56 3.44 -13.61
CA THR B 142 2.10 2.39 -14.46
C THR B 142 1.10 1.24 -14.52
N SER B 143 1.14 0.48 -15.61
CA SER B 143 0.29 -0.71 -15.69
C SER B 143 0.78 -1.60 -16.82
N GLY B 144 0.79 -2.91 -16.57
CA GLY B 144 0.89 -3.84 -17.66
C GLY B 144 -0.24 -3.58 -18.64
N GLY B 145 0.06 -3.76 -19.93
CA GLY B 145 -0.86 -3.39 -20.99
C GLY B 145 -1.23 -4.54 -21.89
N ILE B 146 -2.40 -5.12 -21.63
CA ILE B 146 -2.96 -6.15 -22.49
C ILE B 146 -3.29 -5.54 -23.85
N GLY B 147 -2.85 -6.20 -24.92
CA GLY B 147 -3.25 -5.84 -26.28
C GLY B 147 -2.99 -4.39 -26.65
N VAL B 148 -1.85 -3.85 -26.23
CA VAL B 148 -1.48 -2.46 -26.50
C VAL B 148 0.03 -2.41 -26.65
N GLU B 149 0.51 -1.77 -27.69
CA GLU B 149 1.95 -1.58 -27.80
C GLU B 149 2.48 -0.90 -26.54
N PRO B 150 3.74 -1.11 -26.20
CA PRO B 150 4.30 -0.43 -25.02
C PRO B 150 4.13 1.08 -25.17
N GLY B 151 3.47 1.68 -24.19
CA GLY B 151 3.42 3.12 -24.05
C GLY B 151 2.04 3.73 -24.19
N THR B 152 1.05 2.99 -24.72
CA THR B 152 -0.28 3.55 -24.92
C THR B 152 -0.95 3.91 -23.60
N VAL B 153 -1.34 5.16 -23.45
CA VAL B 153 -1.81 5.68 -22.18
C VAL B 153 -3.28 5.31 -21.99
N VAL B 154 -3.53 4.15 -21.38
CA VAL B 154 -4.90 3.67 -21.30
C VAL B 154 -5.66 4.54 -20.32
N ILE B 155 -6.72 5.17 -20.80
CA ILE B 155 -7.59 6.01 -19.98
C ILE B 155 -8.80 5.15 -19.59
N THR B 156 -8.99 5.00 -18.28
CA THR B 156 -9.82 3.94 -17.73
C THR B 156 -11.29 4.20 -17.94
N SER B 157 -12.02 3.18 -18.38
CA SER B 157 -13.48 3.27 -18.51
C SER B 157 -14.12 2.78 -17.22
N GLU B 158 -13.97 1.48 -16.94
CA GLU B 158 -14.56 0.81 -15.78
C GLU B 158 -13.48 0.01 -15.09
N GLY B 159 -13.54 -0.05 -13.75
CA GLY B 159 -12.59 -0.82 -12.97
C GLY B 159 -13.09 -2.14 -12.38
N VAL B 160 -12.89 -3.22 -13.13
CA VAL B 160 -13.49 -4.52 -12.84
C VAL B 160 -12.56 -5.36 -11.97
N ASN B 161 -13.15 -6.36 -11.30
CA ASN B 161 -12.46 -7.36 -10.49
C ASN B 161 -12.09 -8.60 -11.33
N ASN B 162 -11.83 -9.72 -10.66
CA ASN B 162 -11.21 -10.87 -11.32
C ASN B 162 -12.12 -11.52 -12.34
N LYS B 163 -13.42 -11.26 -12.28
CA LYS B 163 -14.41 -11.85 -13.18
C LYS B 163 -14.99 -10.81 -14.14
N LEU B 164 -14.23 -9.75 -14.43
CA LEU B 164 -14.58 -8.77 -15.45
C LEU B 164 -15.84 -7.99 -15.10
N GLU B 165 -16.17 -7.91 -13.81
CA GLU B 165 -17.41 -7.33 -13.35
C GLU B 165 -17.14 -5.90 -12.87
N SER B 166 -17.81 -4.92 -13.50
CA SER B 166 -17.59 -3.54 -13.10
C SER B 166 -18.25 -3.23 -11.77
N VAL B 167 -17.86 -3.98 -10.72
CA VAL B 167 -18.23 -3.70 -9.33
C VAL B 167 -17.00 -3.95 -8.48
N ASP B 168 -16.74 -3.06 -7.54
CA ASP B 168 -15.72 -3.28 -6.53
C ASP B 168 -16.42 -3.63 -5.22
N GLU B 169 -15.93 -4.67 -4.57
CA GLU B 169 -16.54 -5.19 -3.34
C GLU B 169 -15.83 -4.58 -2.15
N VAL B 170 -16.61 -4.13 -1.16
CA VAL B 170 -16.09 -3.46 0.03
C VAL B 170 -16.48 -4.28 1.25
N ALA B 171 -15.55 -4.40 2.21
CA ALA B 171 -15.85 -5.05 3.48
C ALA B 171 -16.49 -4.04 4.40
N VAL B 172 -17.69 -4.21 4.91
CA VAL B 172 -18.24 -3.17 5.78
C VAL B 172 -18.82 -3.89 6.95
N LEU B 173 -17.92 -4.59 7.64
CA LEU B 173 -18.13 -5.50 8.74
C LEU B 173 -18.91 -6.78 8.26
N GLY B 174 -18.92 -7.07 6.93
CA GLY B 174 -19.72 -8.03 6.19
C GLY B 174 -20.83 -7.27 5.36
N SER B 175 -20.56 -6.44 4.32
CA SER B 175 -21.64 -5.63 3.61
C SER B 175 -21.82 -5.04 2.10
N THR B 176 -21.06 -4.01 1.60
CA THR B 176 -21.39 -3.32 0.30
C THR B 176 -20.68 -3.25 -1.10
N VAL B 177 -21.45 -3.57 -2.16
CA VAL B 177 -20.94 -3.72 -3.51
C VAL B 177 -21.00 -2.38 -4.25
N ARG B 178 -19.94 -1.58 -4.14
CA ARG B 178 -19.81 -0.34 -4.86
C ARG B 178 -19.37 -0.59 -6.31
N ARG B 179 -19.71 0.33 -7.20
CA ARG B 179 -19.42 0.24 -8.63
C ARG B 179 -18.04 0.82 -8.95
N PRO B 180 -17.64 0.94 -10.22
CA PRO B 180 -16.28 1.48 -10.48
C PRO B 180 -16.10 2.18 -11.82
N SER B 181 -17.03 3.05 -12.22
CA SER B 181 -16.93 3.77 -13.48
C SER B 181 -16.05 5.00 -13.33
N ILE B 182 -15.33 5.34 -14.39
CA ILE B 182 -14.62 6.62 -14.44
C ILE B 182 -15.54 7.67 -15.06
N CYS B 183 -15.48 8.88 -14.50
CA CYS B 183 -16.35 9.97 -14.93
C CYS B 183 -16.15 10.22 -16.43
N SER B 184 -17.22 10.00 -17.21
CA SER B 184 -17.16 10.10 -18.67
C SER B 184 -16.84 11.51 -19.17
N PRO B 185 -17.27 12.56 -18.47
CA PRO B 185 -16.91 13.90 -18.94
C PRO B 185 -15.42 14.19 -18.87
N GLU B 186 -14.76 13.86 -17.76
CA GLU B 186 -13.32 14.11 -17.69
C GLU B 186 -12.52 13.12 -18.54
N VAL B 187 -13.03 11.92 -18.78
CA VAL B 187 -12.30 10.97 -19.61
C VAL B 187 -12.08 11.56 -21.00
N ARG B 188 -13.18 11.91 -21.70
CA ARG B 188 -13.12 12.70 -22.92
C ARG B 188 -12.09 13.82 -22.80
N GLU B 189 -12.28 14.73 -21.86
CA GLU B 189 -11.36 15.84 -21.64
C GLU B 189 -9.92 15.40 -21.30
N GLU B 190 -9.66 14.11 -21.11
CA GLU B 190 -8.27 13.67 -21.00
C GLU B 190 -7.80 12.84 -22.19
N ILE B 191 -8.73 12.37 -23.01
CA ILE B 191 -8.37 11.90 -24.35
C ILE B 191 -8.44 13.04 -25.35
N ILE B 192 -9.22 14.09 -25.07
CA ILE B 192 -9.42 15.27 -25.91
C ILE B 192 -8.27 16.25 -25.75
N THR B 193 -7.18 15.81 -25.11
CA THR B 193 -6.07 16.71 -24.86
C THR B 193 -4.74 16.14 -25.27
N ALA B 194 -4.66 14.85 -25.59
CA ALA B 194 -3.40 14.22 -25.97
C ALA B 194 -3.31 13.92 -27.45
N ALA B 195 -4.44 13.90 -28.16
CA ALA B 195 -4.53 14.27 -29.57
C ALA B 195 -4.59 15.77 -29.73
N LYS B 196 -4.53 16.49 -28.61
CA LYS B 196 -4.01 17.84 -28.55
C LYS B 196 -2.52 17.84 -28.22
N GLU B 197 -1.99 16.70 -27.76
CA GLU B 197 -0.57 16.49 -27.53
C GLU B 197 0.02 15.42 -28.44
N VAL B 198 -0.61 15.19 -29.60
CA VAL B 198 -0.40 14.01 -30.44
C VAL B 198 1.07 13.70 -30.66
N GLY B 199 1.71 13.09 -29.65
CA GLY B 199 3.03 12.50 -29.75
C GLY B 199 3.17 11.27 -28.85
N LEU B 200 2.05 10.60 -28.58
CA LEU B 200 2.02 9.53 -27.59
C LEU B 200 0.68 8.81 -27.57
N PRO B 201 0.68 7.47 -27.50
CA PRO B 201 -0.58 6.72 -27.70
C PRO B 201 -1.54 6.89 -26.51
N TYR B 202 -2.85 6.88 -26.81
CA TYR B 202 -3.83 7.50 -25.92
C TYR B 202 -5.12 6.71 -25.76
N ALA B 203 -5.04 5.40 -25.73
CA ALA B 203 -6.25 4.59 -25.85
C ALA B 203 -7.05 4.62 -24.55
N VAL B 204 -8.32 4.16 -24.68
CA VAL B 204 -9.31 4.07 -23.61
C VAL B 204 -9.69 2.61 -23.50
N GLY B 205 -10.32 2.25 -22.37
CA GLY B 205 -10.80 0.90 -22.14
C GLY B 205 -11.00 0.66 -20.66
N LYS B 206 -11.37 -0.58 -20.35
CA LYS B 206 -11.52 -1.07 -18.99
C LYS B 206 -10.16 -1.46 -18.41
N THR B 207 -10.17 -1.80 -17.13
CA THR B 207 -8.97 -2.13 -16.39
C THR B 207 -9.32 -3.03 -15.21
N LEU B 208 -8.38 -3.90 -14.85
CA LEU B 208 -8.51 -4.80 -13.72
C LEU B 208 -7.62 -4.32 -12.57
N SER B 209 -8.13 -4.37 -11.36
CA SER B 209 -7.44 -3.84 -10.20
C SER B 209 -7.20 -5.02 -9.26
N CYS B 210 -5.97 -5.53 -9.22
CA CYS B 210 -5.70 -6.83 -8.61
C CYS B 210 -5.00 -6.65 -7.27
N ASN B 211 -5.57 -7.23 -6.20
CA ASN B 211 -4.97 -7.01 -4.89
C ASN B 211 -3.60 -7.67 -4.73
N ASP B 212 -3.10 -8.42 -5.72
CA ASP B 212 -1.77 -9.01 -5.60
C ASP B 212 -1.07 -8.94 -6.95
N PHE B 213 0.21 -8.58 -6.91
CA PHE B 213 0.95 -8.17 -8.10
C PHE B 213 1.37 -9.35 -8.97
N TYR B 214 1.55 -10.51 -8.38
CA TYR B 214 1.89 -11.68 -9.19
C TYR B 214 0.63 -12.43 -9.58
N GLU B 215 0.00 -13.13 -8.63
CA GLU B 215 -1.03 -14.12 -8.99
C GLU B 215 -2.40 -13.49 -9.29
N GLY B 216 -2.79 -12.43 -8.57
CA GLY B 216 -3.92 -11.66 -9.02
C GLY B 216 -3.77 -11.19 -10.46
N GLN B 217 -2.67 -10.49 -10.74
CA GLN B 217 -2.33 -10.18 -12.13
C GLN B 217 -2.17 -11.44 -12.95
N GLY B 218 -1.39 -12.40 -12.46
CA GLY B 218 -1.12 -13.63 -13.16
C GLY B 218 0.22 -13.57 -13.88
N ARG B 219 1.31 -13.69 -13.12
CA ARG B 219 2.65 -13.55 -13.66
C ARG B 219 3.54 -14.71 -13.25
N LEU B 220 4.42 -15.12 -14.15
CA LEU B 220 5.16 -16.38 -13.98
C LEU B 220 6.51 -16.17 -13.29
N ASP B 221 6.64 -15.30 -12.28
CA ASP B 221 7.94 -15.11 -11.66
C ASP B 221 7.81 -14.60 -10.22
N GLY B 222 6.79 -15.07 -9.49
CA GLY B 222 6.68 -14.78 -8.08
C GLY B 222 7.20 -15.86 -7.17
N ALA B 223 6.41 -16.22 -6.15
CA ALA B 223 6.78 -17.34 -5.30
C ALA B 223 5.72 -18.43 -5.21
N ILE B 224 4.43 -18.11 -5.34
CA ILE B 224 3.35 -19.05 -5.05
C ILE B 224 2.54 -19.17 -6.34
N CYS B 225 2.96 -20.09 -7.21
CA CYS B 225 2.52 -20.16 -8.60
C CYS B 225 1.93 -21.51 -8.88
N GLU B 226 0.70 -21.53 -9.38
CA GLU B 226 -0.02 -22.76 -9.66
C GLU B 226 -0.36 -22.95 -11.14
N TYR B 227 0.10 -22.04 -12.01
CA TYR B 227 -0.40 -21.96 -13.38
C TYR B 227 0.73 -21.75 -14.36
N THR B 228 0.55 -22.28 -15.56
CA THR B 228 1.55 -22.25 -16.62
C THR B 228 1.35 -21.03 -17.51
N LEU B 229 2.19 -20.94 -18.53
CA LEU B 229 1.98 -19.99 -19.61
C LEU B 229 0.59 -20.18 -20.18
N GLU B 230 0.32 -21.38 -20.73
CA GLU B 230 -0.98 -21.71 -21.31
C GLU B 230 -2.12 -21.24 -20.41
N ASP B 231 -2.03 -21.49 -19.11
CA ASP B 231 -3.07 -21.00 -18.21
C ASP B 231 -2.90 -19.51 -17.90
N LYS B 232 -1.73 -18.93 -18.12
CA LYS B 232 -1.64 -17.49 -17.96
C LYS B 232 -2.39 -16.77 -19.09
N MET B 233 -2.04 -17.04 -20.36
CA MET B 233 -2.65 -16.28 -21.46
C MET B 233 -4.09 -16.67 -21.75
N ALA B 234 -4.58 -17.79 -21.21
CA ALA B 234 -6.03 -18.00 -21.27
C ALA B 234 -6.78 -16.90 -20.49
N PHE B 235 -6.26 -16.52 -19.32
CA PHE B 235 -6.92 -15.50 -18.50
C PHE B 235 -6.77 -14.10 -19.09
N LEU B 236 -5.56 -13.71 -19.53
CA LEU B 236 -5.38 -12.37 -20.09
C LEU B 236 -6.13 -12.21 -21.40
N GLN B 237 -6.18 -13.25 -22.22
CA GLN B 237 -6.91 -13.12 -23.48
C GLN B 237 -8.42 -12.96 -23.27
N LYS B 238 -8.99 -13.63 -22.26
CA LYS B 238 -10.42 -13.46 -21.95
C LYS B 238 -10.72 -12.16 -21.22
N LEU B 239 -9.73 -11.53 -20.56
CA LEU B 239 -9.88 -10.17 -20.04
C LEU B 239 -9.75 -9.12 -21.14
N ALA B 240 -8.92 -9.39 -22.15
CA ALA B 240 -8.88 -8.54 -23.33
C ALA B 240 -10.22 -8.53 -24.05
N ASP B 241 -10.79 -9.72 -24.25
CA ASP B 241 -12.07 -9.81 -24.93
C ASP B 241 -13.18 -9.10 -24.18
N ALA B 242 -12.96 -8.77 -22.91
CA ALA B 242 -13.96 -8.04 -22.14
C ALA B 242 -13.84 -6.55 -22.39
N GLY B 243 -12.64 -6.00 -22.26
CA GLY B 243 -12.41 -4.59 -22.44
C GLY B 243 -11.23 -4.13 -21.63
N VAL B 244 -10.63 -5.06 -20.91
CA VAL B 244 -9.46 -4.73 -20.11
C VAL B 244 -8.28 -4.48 -21.05
N ARG B 245 -7.68 -3.31 -20.92
CA ARG B 245 -6.50 -2.93 -21.67
C ARG B 245 -5.27 -2.75 -20.80
N ASN B 246 -5.42 -2.73 -19.49
CA ASN B 246 -4.24 -2.57 -18.65
C ASN B 246 -4.58 -3.08 -17.26
N ILE B 247 -3.52 -3.26 -16.47
CA ILE B 247 -3.59 -3.93 -15.19
C ILE B 247 -2.72 -3.16 -14.21
N GLU B 248 -3.35 -2.56 -13.20
CA GLU B 248 -2.69 -1.98 -12.05
C GLU B 248 -3.60 -2.24 -10.86
N MET B 249 -3.27 -1.75 -9.68
CA MET B 249 -3.90 -2.34 -8.51
C MET B 249 -4.51 -1.33 -7.55
N GLU B 250 -4.86 -0.13 -8.03
CA GLU B 250 -5.44 0.89 -7.18
C GLU B 250 -6.77 1.43 -7.67
N ALA B 251 -7.23 1.02 -8.85
CA ALA B 251 -8.22 1.85 -9.54
C ALA B 251 -9.66 1.50 -9.17
N ARG B 252 -9.98 0.21 -8.95
CA ARG B 252 -11.35 -0.17 -8.56
C ARG B 252 -11.80 0.59 -7.30
N LEU B 253 -10.94 0.66 -6.29
CA LEU B 253 -11.23 1.46 -5.11
C LEU B 253 -11.18 2.94 -5.46
N MET B 254 -10.28 3.33 -6.36
CA MET B 254 -10.23 4.74 -6.71
C MET B 254 -11.47 5.13 -7.50
N ALA B 255 -11.89 4.29 -8.46
CA ALA B 255 -13.08 4.60 -9.24
C ALA B 255 -14.32 4.69 -8.37
N GLY B 256 -14.53 3.70 -7.48
CA GLY B 256 -15.72 3.68 -6.65
C GLY B 256 -15.70 4.69 -5.52
N PHE B 257 -14.53 4.92 -4.91
CA PHE B 257 -14.47 5.95 -3.88
C PHE B 257 -14.89 7.29 -4.42
N CYS B 258 -14.62 7.54 -5.70
CA CYS B 258 -15.01 8.81 -6.29
C CYS B 258 -16.49 8.84 -6.61
N HIS B 259 -16.97 7.84 -7.35
CA HIS B 259 -18.37 7.86 -7.76
C HIS B 259 -19.28 8.11 -6.55
N LYS B 260 -19.14 7.30 -5.50
CA LYS B 260 -19.92 7.45 -4.27
C LYS B 260 -19.96 8.90 -3.80
N LEU B 261 -18.92 9.37 -3.12
CA LEU B 261 -18.86 10.73 -2.55
C LEU B 261 -18.84 11.82 -3.61
N ASN B 262 -19.37 11.54 -4.80
CA ASN B 262 -19.65 12.44 -5.92
C ASN B 262 -18.44 12.75 -6.79
N ILE B 263 -17.23 12.40 -6.38
CA ILE B 263 -16.02 12.93 -7.04
C ILE B 263 -15.98 12.47 -8.50
N PRO B 264 -15.46 13.30 -9.41
CA PRO B 264 -15.23 12.87 -10.81
C PRO B 264 -13.89 12.16 -10.88
N VAL B 265 -13.90 10.92 -11.35
CA VAL B 265 -12.72 10.07 -11.30
C VAL B 265 -12.11 9.96 -12.68
N ALA B 266 -10.78 9.90 -12.73
CA ALA B 266 -10.10 9.49 -13.95
C ALA B 266 -8.79 8.79 -13.57
N VAL B 267 -8.45 7.77 -14.36
CA VAL B 267 -7.20 7.01 -14.26
C VAL B 267 -6.50 7.07 -15.62
N VAL B 268 -5.34 7.74 -15.68
CA VAL B 268 -4.58 7.96 -16.91
C VAL B 268 -3.24 7.24 -16.72
N CYS B 269 -3.12 6.06 -17.32
CA CYS B 269 -1.98 5.20 -17.07
C CYS B 269 -1.26 4.91 -18.38
N VAL B 270 0.05 4.96 -18.33
CA VAL B 270 0.84 4.37 -19.37
C VAL B 270 0.93 2.87 -19.13
N THR B 271 1.15 2.15 -20.20
CA THR B 271 1.47 0.75 -20.10
C THR B 271 2.97 0.58 -20.29
N LEU B 272 3.56 -0.31 -19.51
CA LEU B 272 4.96 -0.65 -19.78
C LEU B 272 5.09 -1.81 -20.74
N LEU B 273 4.07 -2.68 -20.78
CA LEU B 273 4.24 -4.08 -21.11
C LEU B 273 3.11 -4.48 -22.04
N ASN B 274 3.28 -5.57 -22.77
CA ASN B 274 2.15 -6.32 -23.32
C ASN B 274 2.23 -7.76 -22.82
N ARG B 275 1.45 -8.04 -21.78
CA ARG B 275 1.52 -9.31 -21.08
C ARG B 275 1.10 -10.50 -21.95
N LEU B 276 0.45 -10.29 -23.10
CA LEU B 276 0.24 -11.40 -24.03
C LEU B 276 1.54 -11.94 -24.63
N ASN B 277 2.66 -11.24 -24.42
CA ASN B 277 3.94 -11.64 -25.00
C ASN B 277 5.08 -11.48 -24.00
N GLY B 278 4.77 -11.35 -22.71
CA GLY B 278 5.82 -11.47 -21.71
C GLY B 278 5.31 -11.19 -20.31
N ASP B 279 6.23 -11.33 -19.36
CA ASP B 279 6.09 -10.86 -18.00
C ASP B 279 7.20 -9.93 -17.60
N GLN B 280 8.21 -9.78 -18.45
CA GLN B 280 9.29 -8.81 -18.29
C GLN B 280 9.46 -8.05 -19.60
N VAL B 281 9.97 -6.82 -19.50
CA VAL B 281 9.93 -5.87 -20.62
C VAL B 281 11.16 -6.02 -21.52
N LEU B 282 11.27 -5.14 -22.52
CA LEU B 282 12.28 -5.32 -23.56
C LEU B 282 13.07 -4.05 -23.93
N SER B 283 12.45 -2.86 -23.87
CA SER B 283 13.13 -1.69 -24.39
C SER B 283 14.04 -1.06 -23.34
N SER B 284 14.83 -0.07 -23.79
CA SER B 284 15.93 0.51 -23.01
C SER B 284 15.49 1.12 -21.69
N HIS B 285 16.47 1.63 -20.92
CA HIS B 285 16.15 2.43 -19.73
C HIS B 285 15.65 3.81 -20.13
N GLU B 286 16.27 4.41 -21.15
CA GLU B 286 15.84 5.71 -21.65
C GLU B 286 14.49 5.62 -22.35
N THR B 287 14.08 4.43 -22.77
CA THR B 287 12.79 4.26 -23.42
C THR B 287 11.64 4.21 -22.43
N LEU B 288 11.89 3.78 -21.20
CA LEU B 288 10.82 3.69 -20.21
C LEU B 288 10.56 5.03 -19.54
N GLN B 289 11.62 5.83 -19.34
CA GLN B 289 11.47 7.13 -18.70
C GLN B 289 10.48 7.99 -19.46
N ASP B 290 10.72 8.18 -20.77
CA ASP B 290 9.78 8.94 -21.58
C ASP B 290 8.41 8.30 -21.60
N PHE B 291 8.35 6.96 -21.54
CA PHE B 291 7.07 6.31 -21.31
C PHE B 291 6.55 6.59 -19.91
N GLU B 292 7.45 6.68 -18.93
CA GLU B 292 7.01 6.91 -17.57
C GLU B 292 6.48 8.32 -17.35
N ARG B 293 6.75 9.23 -18.28
CA ARG B 293 6.31 10.61 -18.16
C ARG B 293 5.08 10.91 -19.01
N ARG B 294 4.56 9.91 -19.70
CA ARG B 294 3.35 10.10 -20.47
C ARG B 294 2.07 10.25 -19.61
N PRO B 295 2.04 9.85 -18.28
CA PRO B 295 0.85 10.20 -17.50
C PRO B 295 0.82 11.66 -17.16
N GLY B 296 1.91 12.22 -16.62
CA GLY B 296 1.90 13.63 -16.25
C GLY B 296 1.65 14.54 -17.44
N ALA B 297 2.36 14.29 -18.55
CA ALA B 297 2.28 15.19 -19.71
C ALA B 297 0.86 15.34 -20.21
N VAL B 298 0.03 14.31 -20.05
CA VAL B 298 -1.37 14.48 -20.41
C VAL B 298 -2.10 15.23 -19.32
N LEU B 299 -1.77 14.91 -18.06
CA LEU B 299 -2.49 15.43 -16.90
C LEU B 299 -2.29 16.94 -16.76
N LEU B 300 -1.03 17.37 -16.61
CA LEU B 300 -0.76 18.81 -16.51
C LEU B 300 -1.27 19.55 -17.74
N HIS B 301 -1.21 18.92 -18.92
CA HIS B 301 -1.84 19.48 -20.10
C HIS B 301 -3.33 19.70 -19.85
N TYR B 302 -4.05 18.63 -19.54
CA TYR B 302 -5.49 18.73 -19.28
C TYR B 302 -5.80 19.59 -18.06
N ILE B 303 -4.89 19.69 -17.09
CA ILE B 303 -5.11 20.62 -15.98
C ILE B 303 -5.11 22.04 -16.49
N LYS B 304 -3.99 22.46 -17.09
CA LYS B 304 -3.84 23.84 -17.57
C LYS B 304 -4.91 24.20 -18.59
N SER B 305 -5.24 23.26 -19.48
CA SER B 305 -6.34 23.43 -20.43
C SER B 305 -7.71 23.62 -19.79
N LYS B 306 -7.84 23.49 -18.47
CA LYS B 306 -8.99 23.99 -17.73
C LYS B 306 -8.64 25.29 -17.02
N VAL B 307 -7.46 25.32 -16.36
CA VAL B 307 -7.02 26.48 -15.60
C VAL B 307 -7.08 27.73 -16.48
N ASN B 308 -6.73 27.58 -17.75
CA ASN B 308 -6.92 28.65 -18.73
C ASN B 308 -8.40 28.85 -19.03
N ALA B 309 -9.15 27.75 -19.19
CA ALA B 309 -10.55 27.76 -19.58
C ALA B 309 -11.50 28.16 -18.47
N SER B 310 -10.98 28.54 -17.30
CA SER B 310 -11.78 29.18 -16.28
C SER B 310 -11.26 30.60 -16.09
#